data_6TMZ
#
_entry.id   6TMZ
#
_cell.length_a   110.379
_cell.length_b   110.379
_cell.length_c   83.679
_cell.angle_alpha   90.000
_cell.angle_beta   90.000
_cell.angle_gamma   120.000
#
_symmetry.space_group_name_H-M   'P 64'
#
loop_
_entity.id
_entity.type
_entity.pdbx_description
1 polymer '[Pyruvate dehydrogenase (acetyl-transferring)] kinase isozyme 2, mitochondrial'
2 non-polymer 'N-(2-AMINOETHYL)-2-{3-CHLORO-4-[(4-ISOPROPYLBENZYL)OXY]PHENYL} ACETAMIDE'
3 non-polymer 'MAGNESIUM ION'
4 non-polymer [2,4-bis(oxidanyl)phenyl]-[(1~{R})-6,7-dimethoxy-1-pyridin-3-yl-3,4-dihydro-1~{H}-isoquinolin-2-yl]methanone
5 water water
#
_entity_poly.entity_id   1
_entity_poly.type   'polypeptide(L)'
_entity_poly.pdbx_seq_one_letter_code
;GSAPKYIEHFSKFSPSPLSMKQFLDFGSSNACEKTSFTFLRQELPVRLANIMKEINLLPDRVLSTPSVQLVQSWYVQSLL
DIMEFLDKDPEDHRTLSQFTDALVTIRNRHNDVVPTMAQGVLEYKDTYGDDPVSNQNIQYFLDRFYLSRISIRMLINQHT
LIFDGSTNPAHPKHIGSIDPNCNVSEVVKDAYDMAKLLCDKYYMASPDLEIQEINAANSKQPIHMVYVPSHLYHMLFELF
KNAMRATVESHESSLILPPIKVMVALGEEDLSIKMSDRGGGVPLRKIERLFSYMYSTAPTPQPGTGGTPLAGFGYGLPIS
RLYAKYFQGDLQLFSMEGFGTDAVIYLKALSTDSVERLPVYNKSAWRHYQTIQEAGDWCVPSTEPKNTSTYRVS
;
_entity_poly.pdbx_strand_id   AAA
#
# COMPACT_ATOMS: atom_id res chain seq x y z
N GLY A 1 -4.38 -33.22 3.12
CA GLY A 1 -4.15 -31.92 3.79
C GLY A 1 -5.40 -31.40 4.47
N SER A 2 -5.22 -30.53 5.46
CA SER A 2 -6.29 -29.92 6.30
C SER A 2 -6.54 -28.47 5.89
N ALA A 3 -5.81 -27.95 4.89
CA ALA A 3 -5.75 -26.50 4.57
C ALA A 3 -7.16 -25.91 4.54
N PRO A 4 -8.14 -26.52 3.83
CA PRO A 4 -9.51 -25.98 3.81
C PRO A 4 -10.24 -25.99 5.17
N LYS A 5 -9.87 -26.88 6.08
CA LYS A 5 -10.42 -26.92 7.47
C LYS A 5 -9.65 -25.89 8.30
N TYR A 6 -8.38 -25.65 7.96
CA TYR A 6 -7.53 -24.60 8.58
C TYR A 6 -8.11 -23.22 8.26
N ILE A 7 -8.19 -22.93 6.96
CA ILE A 7 -8.98 -21.80 6.42
C ILE A 7 -10.33 -21.71 7.16
N GLU A 8 -10.99 -22.83 7.38
CA GLU A 8 -12.32 -22.88 8.02
C GLU A 8 -12.22 -22.35 9.46
N HIS A 9 -11.34 -22.93 10.26
CA HIS A 9 -11.22 -22.61 11.71
C HIS A 9 -10.78 -21.16 11.91
N PHE A 10 -9.86 -20.67 11.07
CA PHE A 10 -9.19 -19.34 11.21
C PHE A 10 -9.99 -18.22 10.53
N SER A 11 -10.84 -18.54 9.56
CA SER A 11 -11.79 -17.56 8.98
C SER A 11 -12.94 -17.34 9.96
N LYS A 12 -12.95 -18.04 11.09
CA LYS A 12 -13.88 -17.77 12.23
C LYS A 12 -13.42 -16.48 12.91
N PHE A 13 -12.11 -16.35 13.09
CA PHE A 13 -11.46 -15.26 13.86
C PHE A 13 -11.49 -14.00 12.98
N SER A 14 -11.28 -12.84 13.60
CA SER A 14 -11.25 -11.51 12.93
C SER A 14 -9.84 -10.92 12.91
N PRO A 15 -9.46 -10.22 11.82
CA PRO A 15 -8.17 -9.54 11.81
C PRO A 15 -8.23 -8.53 12.97
N SER A 16 -7.12 -8.35 13.67
CA SER A 16 -7.01 -7.41 14.81
C SER A 16 -6.28 -6.17 14.34
N PRO A 17 -7.00 -5.08 13.99
CA PRO A 17 -6.37 -3.80 13.69
C PRO A 17 -5.47 -3.35 14.86
N LEU A 18 -4.20 -3.07 14.56
CA LEU A 18 -3.25 -2.40 15.49
C LEU A 18 -3.07 -0.94 15.12
N SER A 19 -2.76 -0.12 16.12
CA SER A 19 -2.37 1.30 16.00
C SER A 19 -0.87 1.39 15.69
N MET A 20 -0.42 2.55 15.20
CA MET A 20 1.00 2.97 15.30
C MET A 20 1.48 2.73 16.74
N LYS A 21 0.79 3.30 17.73
CA LYS A 21 1.25 3.30 19.15
C LYS A 21 1.63 1.86 19.53
N GLN A 22 0.77 0.88 19.19
CA GLN A 22 0.97 -0.57 19.48
C GLN A 22 2.17 -1.13 18.73
N PHE A 23 2.26 -0.82 17.44
CA PHE A 23 3.40 -1.17 16.55
C PHE A 23 4.73 -0.68 17.15
N LEU A 24 4.71 0.53 17.69
CA LEU A 24 5.91 1.14 18.33
C LEU A 24 6.22 0.40 19.63
N ASP A 25 5.22 0.19 20.48
CA ASP A 25 5.42 -0.29 21.88
C ASP A 25 6.09 -1.67 21.86
N PHE A 26 5.95 -2.43 20.75
CA PHE A 26 6.77 -3.64 20.44
C PHE A 26 8.26 -3.30 20.31
N GLY A 27 8.57 -2.05 19.95
CA GLY A 27 9.91 -1.45 19.95
C GLY A 27 11.01 -2.46 19.71
N ASN A 30 12.94 -3.92 23.34
CA ASN A 30 11.80 -4.58 22.67
C ASN A 30 10.87 -5.17 23.74
N ALA A 31 9.55 -4.87 23.68
CA ALA A 31 8.48 -5.57 24.45
C ALA A 31 8.50 -7.06 24.12
N CYS A 32 9.48 -7.49 23.29
CA CYS A 32 10.14 -8.84 23.19
C CYS A 32 9.61 -9.65 21.98
N GLU A 33 10.47 -10.54 21.45
CA GLU A 33 10.19 -11.43 20.29
C GLU A 33 9.00 -12.34 20.58
N LYS A 34 8.99 -12.91 21.78
CA LYS A 34 8.14 -14.05 22.17
C LYS A 34 6.68 -13.59 22.09
N THR A 35 6.43 -12.33 22.45
CA THR A 35 5.11 -11.62 22.36
C THR A 35 4.70 -11.49 20.89
N SER A 36 5.64 -11.02 20.07
CA SER A 36 5.55 -10.87 18.60
C SER A 36 5.23 -12.23 17.99
N PHE A 37 6.08 -13.23 18.26
CA PHE A 37 5.84 -14.64 17.86
C PHE A 37 4.44 -15.11 18.30
N THR A 38 4.21 -15.32 19.59
CA THR A 38 2.93 -15.88 20.12
C THR A 38 1.75 -15.19 19.44
N PHE A 39 1.85 -13.88 19.20
CA PHE A 39 0.82 -13.06 18.53
C PHE A 39 0.64 -13.46 17.06
N LEU A 40 1.69 -13.26 16.26
CA LEU A 40 1.67 -13.31 14.77
C LEU A 40 1.27 -14.71 14.30
N ARG A 41 1.76 -15.73 14.99
CA ARG A 41 1.50 -17.16 14.66
C ARG A 41 0.00 -17.48 14.86
N GLN A 42 -0.78 -16.52 15.39
CA GLN A 42 -2.25 -16.54 15.38
C GLN A 42 -2.71 -15.60 14.25
N GLU A 43 -2.30 -14.33 14.32
CA GLU A 43 -2.87 -13.21 13.53
C GLU A 43 -2.66 -13.46 12.02
N LEU A 44 -1.50 -13.92 11.61
CA LEU A 44 -1.23 -14.20 10.18
C LEU A 44 -2.26 -15.19 9.65
N PRO A 45 -2.28 -16.43 10.18
CA PRO A 45 -3.31 -17.41 9.81
C PRO A 45 -4.67 -16.73 9.67
N VAL A 46 -5.05 -15.95 10.67
CA VAL A 46 -6.37 -15.27 10.71
C VAL A 46 -6.51 -14.46 9.42
N ARG A 47 -5.52 -13.63 9.14
CA ARG A 47 -5.58 -12.66 8.02
C ARG A 47 -5.40 -13.43 6.72
N LEU A 48 -4.61 -14.50 6.71
CA LEU A 48 -4.45 -15.33 5.50
C LEU A 48 -5.78 -16.00 5.21
N ALA A 49 -6.21 -16.81 6.17
CA ALA A 49 -7.49 -17.55 6.17
C ALA A 49 -8.58 -16.62 5.63
N ASN A 50 -8.66 -15.42 6.19
CA ASN A 50 -9.78 -14.49 5.92
C ASN A 50 -9.83 -14.20 4.44
N ILE A 51 -8.69 -13.79 3.90
CA ILE A 51 -8.59 -13.37 2.48
C ILE A 51 -8.74 -14.60 1.57
N MET A 52 -8.23 -15.76 2.01
CA MET A 52 -8.29 -17.03 1.23
C MET A 52 -9.76 -17.46 1.14
N LYS A 53 -10.54 -17.17 2.19
CA LYS A 53 -11.98 -17.47 2.22
C LYS A 53 -12.62 -16.62 1.12
N GLU A 54 -12.11 -15.42 0.87
CA GLU A 54 -12.75 -14.49 -0.08
C GLU A 54 -12.40 -14.91 -1.51
N ILE A 55 -11.14 -15.22 -1.75
CA ILE A 55 -10.68 -15.82 -3.02
C ILE A 55 -11.70 -16.91 -3.40
N ASN A 56 -12.00 -17.84 -2.47
CA ASN A 56 -12.82 -19.05 -2.75
C ASN A 56 -14.26 -18.68 -3.11
N LEU A 57 -14.69 -17.44 -2.87
CA LEU A 57 -16.08 -16.98 -3.11
C LEU A 57 -16.20 -16.42 -4.54
N LEU A 58 -15.09 -16.36 -5.26
CA LEU A 58 -15.06 -15.93 -6.67
C LEU A 58 -15.70 -17.02 -7.54
N PRO A 59 -16.42 -16.63 -8.60
CA PRO A 59 -17.05 -17.60 -9.48
C PRO A 59 -15.97 -18.49 -10.09
N ASP A 60 -16.34 -19.68 -10.54
CA ASP A 60 -15.38 -20.66 -11.10
C ASP A 60 -14.66 -20.03 -12.30
N ARG A 61 -15.36 -19.24 -13.11
CA ARG A 61 -14.74 -18.63 -14.33
C ARG A 61 -13.52 -17.75 -13.98
N VAL A 62 -13.51 -17.15 -12.80
CA VAL A 62 -12.35 -16.41 -12.25
C VAL A 62 -11.47 -17.42 -11.51
N LEU A 63 -12.07 -18.10 -10.53
CA LEU A 63 -11.40 -19.07 -9.63
C LEU A 63 -10.52 -20.04 -10.44
N SER A 64 -11.00 -20.55 -11.59
CA SER A 64 -10.35 -21.66 -12.33
C SER A 64 -9.02 -21.20 -12.93
N THR A 65 -8.94 -19.93 -13.33
CA THR A 65 -7.87 -19.38 -14.20
C THR A 65 -6.51 -19.59 -13.55
N PRO A 66 -5.44 -19.77 -14.36
CA PRO A 66 -4.10 -20.10 -13.84
C PRO A 66 -3.65 -19.15 -12.72
N SER A 67 -3.66 -17.85 -13.06
CA SER A 67 -3.20 -16.70 -12.25
C SER A 67 -3.73 -16.80 -10.84
N VAL A 68 -5.05 -16.89 -10.69
CA VAL A 68 -5.73 -17.05 -9.37
C VAL A 68 -5.10 -18.25 -8.65
N GLN A 69 -5.35 -19.46 -9.17
CA GLN A 69 -5.01 -20.73 -8.47
C GLN A 69 -3.55 -20.62 -7.99
N LEU A 70 -2.70 -19.92 -8.75
CA LEU A 70 -1.26 -19.87 -8.45
C LEU A 70 -1.07 -19.20 -7.10
N VAL A 71 -1.61 -17.99 -6.94
CA VAL A 71 -1.47 -17.26 -5.66
C VAL A 71 -2.25 -18.04 -4.61
N GLN A 72 -3.47 -18.49 -4.94
CA GLN A 72 -4.29 -19.25 -3.96
C GLN A 72 -3.35 -20.28 -3.36
N SER A 73 -2.44 -20.85 -4.17
CA SER A 73 -1.50 -21.92 -3.78
C SER A 73 -0.51 -21.35 -2.76
N TRP A 74 0.16 -20.26 -3.14
CA TRP A 74 1.16 -19.55 -2.29
C TRP A 74 0.61 -19.29 -0.89
N TYR A 75 -0.61 -18.73 -0.83
CA TYR A 75 -1.27 -18.39 0.45
C TYR A 75 -1.31 -19.69 1.26
N VAL A 76 -1.78 -20.79 0.67
CA VAL A 76 -1.82 -22.11 1.36
C VAL A 76 -0.42 -22.43 1.85
N GLN A 77 0.53 -22.51 0.92
CA GLN A 77 1.90 -22.94 1.30
C GLN A 77 2.34 -22.08 2.50
N SER A 78 1.97 -20.80 2.50
CA SER A 78 2.37 -19.82 3.52
C SER A 78 1.61 -20.16 4.80
N LEU A 79 0.29 -20.30 4.69
CA LEU A 79 -0.58 -20.63 5.83
C LEU A 79 0.08 -21.79 6.55
N LEU A 80 0.26 -22.87 5.80
CA LEU A 80 0.78 -24.16 6.29
C LEU A 80 2.09 -23.88 7.02
N ASP A 81 3.00 -23.13 6.39
CA ASP A 81 4.35 -22.90 6.94
C ASP A 81 4.22 -22.35 8.35
N ILE A 82 3.11 -21.63 8.64
CA ILE A 82 2.97 -20.89 9.93
C ILE A 82 2.31 -21.81 10.96
N MET A 83 1.56 -22.80 10.49
CA MET A 83 1.03 -23.87 11.35
C MET A 83 2.17 -24.46 12.18
N GLU A 84 3.21 -24.96 11.50
CA GLU A 84 4.41 -25.62 12.09
C GLU A 84 4.72 -25.07 13.49
N PHE A 85 4.47 -23.78 13.71
CA PHE A 85 4.92 -23.03 14.91
C PHE A 85 3.77 -22.87 15.91
N LEU A 86 2.61 -23.48 15.66
CA LEU A 86 1.45 -23.42 16.61
C LEU A 86 1.77 -24.21 17.89
N ASP A 87 2.16 -25.50 17.75
CA ASP A 87 2.54 -26.41 18.87
C ASP A 87 3.83 -25.93 19.53
N LYS A 88 4.84 -25.50 18.74
CA LYS A 88 6.19 -25.13 19.22
C LYS A 88 6.02 -24.08 20.33
N ASP A 89 6.81 -24.19 21.40
CA ASP A 89 6.80 -23.20 22.49
C ASP A 89 7.94 -22.21 22.22
N PRO A 90 7.73 -20.91 22.52
CA PRO A 90 8.79 -19.90 22.43
C PRO A 90 9.96 -20.23 23.38
N GLU A 91 10.54 -19.20 24.02
CA GLU A 91 11.67 -19.31 24.99
C GLU A 91 12.89 -19.81 24.20
N ASP A 92 12.77 -20.97 23.56
CA ASP A 92 13.75 -21.59 22.63
C ASP A 92 14.12 -20.58 21.53
N HIS A 93 15.33 -19.99 21.62
CA HIS A 93 15.93 -18.96 20.71
C HIS A 93 16.07 -19.52 19.28
N ARG A 94 15.95 -20.85 19.10
CA ARG A 94 16.06 -21.51 17.77
C ARG A 94 14.66 -21.69 17.17
N THR A 95 13.63 -21.95 17.98
CA THR A 95 12.20 -22.04 17.52
C THR A 95 11.79 -20.66 16.99
N LEU A 96 12.33 -19.58 17.57
CA LEU A 96 12.10 -18.17 17.14
C LEU A 96 12.84 -17.90 15.84
N SER A 97 14.13 -18.25 15.79
CA SER A 97 15.03 -18.11 14.62
C SER A 97 14.39 -18.73 13.36
N GLN A 98 13.88 -19.96 13.45
CA GLN A 98 13.36 -20.74 12.31
C GLN A 98 12.11 -20.06 11.76
N PHE A 99 11.38 -19.37 12.64
CA PHE A 99 10.12 -18.65 12.35
C PHE A 99 10.39 -17.41 11.49
N THR A 100 11.26 -16.54 11.98
CA THR A 100 11.76 -15.37 11.22
C THR A 100 12.05 -15.82 9.79
N ASP A 101 12.93 -16.82 9.63
CA ASP A 101 13.24 -17.46 8.34
C ASP A 101 11.94 -17.72 7.56
N ALA A 102 10.98 -18.36 8.23
CA ALA A 102 9.67 -18.74 7.65
C ALA A 102 9.02 -17.48 7.08
N LEU A 103 9.05 -16.38 7.83
CA LEU A 103 8.42 -15.11 7.39
C LEU A 103 9.11 -14.63 6.11
N VAL A 104 10.42 -14.47 6.17
CA VAL A 104 11.27 -14.02 5.02
C VAL A 104 10.83 -14.81 3.78
N THR A 105 10.99 -16.13 3.82
CA THR A 105 10.62 -17.04 2.71
C THR A 105 9.22 -16.71 2.18
N ILE A 106 8.28 -16.39 3.08
CA ILE A 106 6.87 -16.11 2.70
C ILE A 106 6.79 -14.73 2.01
N ARG A 107 7.42 -13.70 2.57
CA ARG A 107 7.43 -12.35 1.93
C ARG A 107 7.85 -12.58 0.49
N ASN A 108 8.96 -13.31 0.32
CA ASN A 108 9.72 -13.45 -0.95
C ASN A 108 8.98 -14.37 -1.91
N ARG A 109 8.22 -15.36 -1.39
CA ARG A 109 7.29 -16.21 -2.19
C ARG A 109 6.20 -15.34 -2.85
N HIS A 110 5.74 -14.30 -2.16
CA HIS A 110 4.56 -13.46 -2.53
C HIS A 110 4.95 -12.20 -3.32
N ASN A 111 6.20 -12.07 -3.76
CA ASN A 111 6.71 -10.78 -4.29
C ASN A 111 6.01 -10.43 -5.62
N ASP A 112 5.46 -11.43 -6.31
CA ASP A 112 4.98 -11.21 -7.70
C ASP A 112 3.46 -11.16 -7.73
N VAL A 113 2.79 -11.15 -6.56
CA VAL A 113 1.30 -11.16 -6.48
C VAL A 113 0.77 -10.13 -7.48
N VAL A 114 1.37 -8.94 -7.53
CA VAL A 114 0.81 -7.81 -8.32
C VAL A 114 0.84 -8.20 -9.79
N PRO A 115 2.00 -8.30 -10.45
CA PRO A 115 2.04 -8.61 -11.88
C PRO A 115 1.21 -9.83 -12.28
N THR A 116 1.14 -10.79 -11.36
CA THR A 116 0.33 -12.05 -11.46
C THR A 116 -1.17 -11.74 -11.51
N MET A 117 -1.74 -11.17 -10.45
CA MET A 117 -3.15 -10.72 -10.43
C MET A 117 -3.50 -9.95 -11.71
N ALA A 118 -2.64 -9.02 -12.12
CA ALA A 118 -2.72 -8.26 -13.39
C ALA A 118 -3.00 -9.18 -14.59
N GLN A 119 -2.23 -10.27 -14.71
CA GLN A 119 -2.28 -11.16 -15.90
C GLN A 119 -3.59 -11.97 -15.85
N GLY A 120 -4.25 -11.98 -14.68
CA GLY A 120 -5.58 -12.58 -14.48
C GLY A 120 -6.69 -11.64 -14.90
N VAL A 121 -6.63 -10.42 -14.41
CA VAL A 121 -7.46 -9.29 -14.93
C VAL A 121 -7.41 -9.39 -16.45
N LEU A 122 -6.19 -9.41 -17.01
CA LEU A 122 -5.99 -9.21 -18.46
C LEU A 122 -6.69 -10.36 -19.20
N GLU A 123 -6.48 -11.60 -18.76
CA GLU A 123 -7.03 -12.77 -19.48
C GLU A 123 -8.57 -12.75 -19.34
N TYR A 124 -9.07 -12.12 -18.28
CA TYR A 124 -10.52 -11.89 -18.06
C TYR A 124 -11.07 -10.89 -19.10
N LYS A 125 -10.46 -9.71 -19.29
CA LYS A 125 -10.93 -8.65 -20.24
C LYS A 125 -11.15 -9.23 -21.63
N ASP A 126 -10.26 -10.13 -22.03
CA ASP A 126 -10.21 -10.74 -23.38
C ASP A 126 -11.21 -11.91 -23.44
N THR A 127 -11.22 -12.78 -22.41
CA THR A 127 -12.11 -13.97 -22.26
C THR A 127 -13.59 -13.57 -22.12
N TYR A 128 -13.88 -12.58 -21.29
CA TYR A 128 -15.26 -12.27 -20.81
C TYR A 128 -15.67 -10.83 -21.16
N GLY A 129 -14.73 -9.88 -21.20
CA GLY A 129 -14.98 -8.49 -21.64
C GLY A 129 -14.72 -7.48 -20.54
N ASP A 130 -14.98 -6.19 -20.85
CA ASP A 130 -14.79 -5.06 -19.91
C ASP A 130 -16.10 -4.29 -19.81
N ASP A 131 -17.12 -4.88 -19.21
CA ASP A 131 -18.39 -4.18 -18.90
C ASP A 131 -18.22 -3.57 -17.51
N PRO A 132 -18.95 -2.47 -17.19
CA PRO A 132 -18.79 -1.77 -15.90
C PRO A 132 -19.01 -2.64 -14.66
N VAL A 133 -19.86 -3.66 -14.77
CA VAL A 133 -20.24 -4.54 -13.62
C VAL A 133 -19.04 -5.41 -13.25
N SER A 134 -18.33 -5.90 -14.26
CA SER A 134 -17.03 -6.60 -14.09
C SER A 134 -16.09 -5.65 -13.35
N ASN A 135 -16.11 -4.37 -13.69
CA ASN A 135 -15.23 -3.32 -13.08
C ASN A 135 -15.50 -3.27 -11.58
N GLN A 136 -16.76 -3.13 -11.16
CA GLN A 136 -17.11 -2.91 -9.74
C GLN A 136 -16.64 -4.11 -8.92
N ASN A 137 -16.73 -5.30 -9.49
CA ASN A 137 -16.40 -6.59 -8.83
C ASN A 137 -14.88 -6.73 -8.63
N ILE A 138 -14.12 -6.74 -9.72
CA ILE A 138 -12.64 -6.60 -9.75
C ILE A 138 -12.19 -5.54 -8.74
N GLN A 139 -12.81 -4.36 -8.82
CA GLN A 139 -12.43 -3.17 -8.03
C GLN A 139 -12.71 -3.42 -6.54
N TYR A 140 -13.91 -3.93 -6.24
CA TYR A 140 -14.30 -4.30 -4.85
C TYR A 140 -13.21 -5.25 -4.31
N PHE A 141 -12.96 -6.35 -5.00
CA PHE A 141 -12.15 -7.50 -4.54
C PHE A 141 -10.70 -7.06 -4.38
N LEU A 142 -10.13 -6.42 -5.39
CA LEU A 142 -8.67 -6.19 -5.42
C LEU A 142 -8.31 -5.14 -4.37
N ASP A 143 -9.21 -4.20 -4.11
CA ASP A 143 -8.93 -3.16 -3.11
C ASP A 143 -8.70 -3.92 -1.79
N ARG A 144 -9.58 -4.89 -1.53
CA ARG A 144 -9.56 -5.71 -0.30
C ARG A 144 -8.32 -6.63 -0.35
N PHE A 145 -8.19 -7.43 -1.39
CA PHE A 145 -7.05 -8.35 -1.56
C PHE A 145 -5.74 -7.60 -1.26
N TYR A 146 -5.56 -6.49 -1.97
CA TYR A 146 -4.31 -5.69 -1.98
C TYR A 146 -4.15 -5.01 -0.65
N LEU A 147 -5.26 -4.71 0.02
CA LEU A 147 -5.19 -4.09 1.35
C LEU A 147 -4.64 -5.13 2.33
N SER A 148 -5.37 -6.25 2.40
CA SER A 148 -5.04 -7.49 3.16
C SER A 148 -3.56 -7.78 2.92
N ARG A 149 -3.18 -7.81 1.65
CA ARG A 149 -1.76 -8.04 1.26
C ARG A 149 -0.89 -7.06 2.04
N ILE A 150 -1.23 -5.76 2.03
CA ILE A 150 -0.37 -4.70 2.68
C ILE A 150 -0.26 -4.98 4.18
N SER A 151 -1.43 -5.14 4.82
CA SER A 151 -1.55 -5.45 6.26
C SER A 151 -0.56 -6.57 6.64
N ILE A 152 -0.40 -7.57 5.78
CA ILE A 152 0.43 -8.77 6.09
C ILE A 152 1.91 -8.36 6.00
N ARG A 153 2.31 -7.75 4.88
CA ARG A 153 3.69 -7.24 4.69
C ARG A 153 4.08 -6.40 5.91
N MET A 154 3.16 -5.56 6.36
CA MET A 154 3.41 -4.66 7.51
C MET A 154 3.84 -5.52 8.71
N LEU A 155 3.06 -6.55 9.09
CA LEU A 155 3.38 -7.36 10.29
C LEU A 155 4.75 -8.00 10.11
N ILE A 156 4.99 -8.48 8.90
CA ILE A 156 6.14 -9.37 8.59
C ILE A 156 7.41 -8.54 8.70
N ASN A 157 7.44 -7.40 8.02
CA ASN A 157 8.64 -6.53 8.06
C ASN A 157 8.86 -6.10 9.52
N GLN A 158 7.78 -5.67 10.18
CA GLN A 158 7.87 -5.18 11.57
C GLN A 158 8.66 -6.21 12.36
N HIS A 159 8.29 -7.48 12.22
CA HIS A 159 8.92 -8.60 12.96
C HIS A 159 10.41 -8.75 12.58
N THR A 160 10.68 -8.97 11.29
CA THR A 160 12.03 -9.30 10.76
C THR A 160 13.02 -8.16 10.97
N LEU A 161 12.56 -6.91 10.86
CA LEU A 161 13.45 -5.72 10.87
C LEU A 161 13.95 -5.45 12.28
N ILE A 162 13.06 -5.64 13.26
CA ILE A 162 13.38 -5.49 14.70
C ILE A 162 14.23 -6.69 15.13
N PHE A 163 13.66 -7.89 15.08
CA PHE A 163 14.31 -9.12 15.58
C PHE A 163 15.25 -9.68 14.50
N ASP A 164 16.43 -9.07 14.38
CA ASP A 164 17.44 -9.36 13.32
C ASP A 164 18.54 -10.27 13.90
N PRO A 172 17.32 2.76 19.80
CA PRO A 172 17.21 2.63 18.34
C PRO A 172 16.21 3.61 17.69
N LYS A 173 16.69 4.49 16.77
CA LYS A 173 15.98 5.67 16.17
C LYS A 173 14.68 5.22 15.48
N HIS A 174 14.75 4.61 14.28
CA HIS A 174 13.59 4.00 13.58
C HIS A 174 13.18 2.72 14.30
N ILE A 175 11.90 2.35 14.22
CA ILE A 175 11.36 1.08 14.78
C ILE A 175 10.79 0.27 13.61
N GLY A 176 11.62 -0.59 13.01
CA GLY A 176 11.26 -1.26 11.76
C GLY A 176 10.93 -0.25 10.65
N SER A 177 9.83 -0.48 9.94
CA SER A 177 9.41 0.29 8.73
C SER A 177 8.82 1.65 9.13
N ILE A 178 8.59 1.84 10.45
CA ILE A 178 8.04 3.05 11.12
C ILE A 178 9.20 3.99 11.49
N ASP A 179 9.07 5.28 11.14
CA ASP A 179 9.86 6.42 11.66
C ASP A 179 8.97 7.20 12.62
N PRO A 180 9.34 7.38 13.91
CA PRO A 180 8.51 8.11 14.85
C PRO A 180 8.70 9.61 14.65
N ASN A 181 9.69 9.97 13.83
CA ASN A 181 10.10 11.39 13.57
C ASN A 181 10.25 11.60 12.06
N CYS A 182 9.22 11.24 11.29
CA CYS A 182 9.24 11.25 9.80
C CYS A 182 9.20 12.70 9.29
N ASN A 183 10.32 13.26 8.85
CA ASN A 183 10.30 14.62 8.27
C ASN A 183 9.72 14.49 6.86
N VAL A 184 8.51 15.00 6.68
CA VAL A 184 7.66 14.69 5.52
C VAL A 184 8.33 15.31 4.29
N SER A 185 8.75 16.57 4.41
CA SER A 185 9.32 17.31 3.27
C SER A 185 10.49 16.50 2.68
N GLU A 186 11.28 15.88 3.57
CA GLU A 186 12.50 15.14 3.20
C GLU A 186 12.04 14.02 2.27
N VAL A 187 11.12 13.19 2.75
CA VAL A 187 10.49 12.10 1.94
C VAL A 187 10.03 12.68 0.60
N VAL A 188 9.48 13.89 0.61
CA VAL A 188 8.94 14.51 -0.63
C VAL A 188 10.09 14.77 -1.60
N LYS A 189 11.17 15.42 -1.16
CA LYS A 189 12.38 15.62 -2.00
C LYS A 189 12.78 14.24 -2.54
N ASP A 190 12.93 13.25 -1.66
CA ASP A 190 13.47 11.92 -2.04
C ASP A 190 12.66 11.38 -3.23
N ALA A 191 11.33 11.36 -3.11
CA ALA A 191 10.43 10.85 -4.17
C ALA A 191 10.61 11.72 -5.42
N TYR A 192 10.67 13.04 -5.26
CA TYR A 192 10.87 13.98 -6.38
C TYR A 192 12.19 13.63 -7.07
N ASP A 193 13.31 13.93 -6.40
CA ASP A 193 14.68 13.73 -6.94
C ASP A 193 14.57 12.46 -7.79
N MET A 194 14.12 11.38 -7.19
CA MET A 194 14.10 10.03 -7.81
C MET A 194 13.27 10.07 -9.09
N ALA A 195 12.07 10.62 -9.03
CA ALA A 195 11.22 10.81 -10.23
C ALA A 195 11.95 11.71 -11.24
N LYS A 196 12.53 12.83 -10.81
CA LYS A 196 13.28 13.76 -11.69
C LYS A 196 14.28 12.94 -12.52
N LEU A 197 15.10 12.16 -11.82
CA LEU A 197 16.07 11.21 -12.42
C LEU A 197 15.37 10.43 -13.54
N LEU A 198 14.32 9.70 -13.19
CA LEU A 198 13.57 8.89 -14.19
C LEU A 198 13.05 9.78 -15.31
N CYS A 199 12.56 10.98 -14.98
CA CYS A 199 11.95 11.92 -15.96
C CYS A 199 13.04 12.36 -16.95
N ASP A 200 14.02 13.17 -16.52
CA ASP A 200 15.20 13.61 -17.32
C ASP A 200 15.59 12.52 -18.32
N LYS A 201 15.92 11.34 -17.79
CA LYS A 201 16.39 10.13 -18.53
C LYS A 201 15.53 9.90 -19.78
N TYR A 202 14.20 9.93 -19.64
CA TYR A 202 13.22 9.53 -20.68
C TYR A 202 12.73 10.78 -21.44
N TYR A 203 13.13 12.00 -21.07
CA TYR A 203 12.50 13.26 -21.57
C TYR A 203 13.48 14.44 -21.75
N MET A 204 14.69 14.39 -21.16
CA MET A 204 15.74 15.43 -21.31
C MET A 204 15.27 16.77 -20.72
N ALA A 205 14.25 16.72 -19.85
CA ALA A 205 13.75 17.85 -19.01
C ALA A 205 12.69 17.32 -18.02
N SER A 206 12.27 18.21 -17.12
CA SER A 206 11.77 17.83 -15.79
C SER A 206 11.38 19.08 -15.02
N PRO A 207 10.11 19.22 -14.60
CA PRO A 207 9.68 20.44 -13.92
C PRO A 207 10.36 20.46 -12.55
N ASP A 208 10.63 21.65 -12.05
CA ASP A 208 11.32 21.84 -10.75
C ASP A 208 10.27 21.57 -9.68
N LEU A 209 10.60 21.76 -8.40
CA LEU A 209 9.70 21.41 -7.28
C LEU A 209 9.72 22.55 -6.24
N GLU A 210 8.62 23.29 -6.10
CA GLU A 210 8.38 24.15 -4.91
C GLU A 210 7.65 23.34 -3.85
N ILE A 211 8.21 23.27 -2.62
CA ILE A 211 7.52 22.75 -1.40
C ILE A 211 7.21 23.91 -0.47
N GLN A 212 6.05 23.89 0.17
CA GLN A 212 5.67 24.85 1.23
C GLN A 212 4.97 24.10 2.36
N GLU A 213 5.52 24.18 3.58
CA GLU A 213 4.90 23.61 4.81
C GLU A 213 3.89 24.65 5.32
N ILE A 214 2.92 24.21 6.13
CA ILE A 214 1.92 25.05 6.86
C ILE A 214 1.61 24.39 8.21
N ASN A 215 2.11 24.91 9.33
CA ASN A 215 1.95 24.22 10.64
C ASN A 215 0.88 24.98 11.44
N ALA A 216 -0.40 24.63 11.22
CA ALA A 216 -1.58 25.16 11.93
C ALA A 216 -1.14 25.82 13.23
N ALA A 217 -0.82 24.98 14.22
CA ALA A 217 -0.44 25.35 15.60
C ALA A 217 0.90 26.09 15.58
N ASN A 218 1.97 25.35 15.28
CA ASN A 218 3.37 25.83 15.42
C ASN A 218 3.78 26.49 14.11
N SER A 219 3.06 27.56 13.74
CA SER A 219 3.09 28.22 12.40
C SER A 219 4.49 28.14 11.75
N LYS A 220 5.56 28.10 12.55
CA LYS A 220 6.97 28.15 12.04
C LYS A 220 7.54 26.76 11.78
N GLN A 221 7.32 25.80 12.69
CA GLN A 221 8.14 24.55 12.86
C GLN A 221 8.05 23.57 11.69
N PRO A 222 9.17 22.91 11.31
CA PRO A 222 9.13 21.85 10.28
C PRO A 222 8.28 20.67 10.75
N ILE A 223 7.62 19.98 9.82
CA ILE A 223 6.51 19.02 10.11
C ILE A 223 7.07 17.60 10.19
N HIS A 224 7.23 17.11 11.41
CA HIS A 224 7.53 15.72 11.76
C HIS A 224 6.19 15.03 12.00
N MET A 225 6.12 13.72 11.74
CA MET A 225 4.91 12.86 11.85
C MET A 225 5.39 11.42 12.01
N VAL A 226 4.50 10.53 12.47
CA VAL A 226 4.80 9.11 12.76
C VAL A 226 4.12 8.27 11.68
N TYR A 227 4.92 7.68 10.80
CA TYR A 227 4.43 6.95 9.59
C TYR A 227 5.38 5.80 9.24
N VAL A 228 4.97 5.03 8.25
CA VAL A 228 5.82 4.05 7.54
C VAL A 228 6.35 4.78 6.31
N PRO A 229 7.51 5.45 6.38
CA PRO A 229 7.97 6.27 5.26
C PRO A 229 8.12 5.48 3.94
N SER A 230 8.46 4.20 4.01
CA SER A 230 8.35 3.26 2.86
C SER A 230 7.08 3.58 2.05
N HIS A 231 5.92 3.57 2.74
CA HIS A 231 4.55 3.74 2.14
C HIS A 231 4.46 5.14 1.57
N LEU A 232 4.95 6.12 2.30
CA LEU A 232 4.74 7.54 1.94
C LEU A 232 5.50 7.81 0.64
N TYR A 233 6.70 7.27 0.54
CA TYR A 233 7.53 7.31 -0.69
C TYR A 233 6.74 6.67 -1.84
N HIS A 234 6.39 5.38 -1.72
CA HIS A 234 5.65 4.63 -2.76
CA HIS A 234 5.65 4.65 -2.78
C HIS A 234 4.59 5.58 -3.36
N MET A 235 3.80 6.24 -2.51
CA MET A 235 2.68 7.11 -2.95
C MET A 235 3.22 8.37 -3.64
N LEU A 236 3.97 9.19 -2.92
CA LEU A 236 4.58 10.43 -3.46
C LEU A 236 5.21 10.16 -4.82
N PHE A 237 6.03 9.11 -4.87
CA PHE A 237 6.74 8.69 -6.09
C PHE A 237 5.75 8.60 -7.25
N GLU A 238 4.71 7.77 -7.12
CA GLU A 238 3.75 7.51 -8.21
C GLU A 238 3.14 8.83 -8.67
N LEU A 239 2.81 9.67 -7.69
CA LEU A 239 2.08 10.91 -7.93
C LEU A 239 2.97 11.80 -8.76
N PHE A 240 4.22 11.96 -8.34
CA PHE A 240 5.21 12.72 -9.13
C PHE A 240 5.27 12.16 -10.55
N LYS A 241 5.44 10.85 -10.69
CA LYS A 241 5.56 10.22 -12.02
C LYS A 241 4.49 10.82 -12.92
N ASN A 242 3.26 10.91 -12.44
CA ASN A 242 2.13 11.41 -13.27
C ASN A 242 2.31 12.90 -13.47
N ALA A 243 2.51 13.62 -12.38
CA ALA A 243 2.66 15.10 -12.41
C ALA A 243 3.73 15.49 -13.44
N MET A 244 4.77 14.67 -13.56
CA MET A 244 5.87 14.95 -14.50
C MET A 244 5.41 14.56 -15.90
N ARG A 245 4.99 13.31 -16.08
CA ARG A 245 4.59 12.79 -17.42
C ARG A 245 3.61 13.80 -18.01
N ALA A 246 2.66 14.24 -17.17
CA ALA A 246 1.56 15.12 -17.59
C ALA A 246 2.18 16.43 -18.03
N THR A 247 2.92 17.04 -17.11
CA THR A 247 3.46 18.42 -17.25
C THR A 247 4.29 18.50 -18.53
N VAL A 248 4.94 17.42 -18.88
CA VAL A 248 5.94 17.41 -19.98
C VAL A 248 5.19 17.38 -21.32
N GLU A 249 4.13 16.58 -21.44
CA GLU A 249 3.52 16.23 -22.75
C GLU A 249 2.61 17.37 -23.16
N SER A 250 2.01 18.01 -22.18
CA SER A 250 1.18 19.21 -22.37
C SER A 250 2.08 20.37 -22.82
N HIS A 251 3.35 20.42 -22.39
CA HIS A 251 4.26 21.55 -22.73
C HIS A 251 5.49 21.13 -23.54
N GLU A 252 5.44 20.09 -24.37
CA GLU A 252 6.62 19.71 -25.21
C GLU A 252 6.75 20.67 -26.40
N SER A 253 5.64 21.08 -27.00
CA SER A 253 5.59 22.12 -28.06
C SER A 253 5.92 23.49 -27.48
N SER A 254 5.74 23.70 -26.17
CA SER A 254 6.13 24.94 -25.45
C SER A 254 7.57 24.82 -24.92
N LEU A 255 8.06 25.92 -24.32
CA LEU A 255 9.46 26.09 -23.84
C LEU A 255 9.48 25.95 -22.32
N ILE A 256 8.81 26.89 -21.65
CA ILE A 256 8.82 27.02 -20.16
C ILE A 256 7.97 25.89 -19.55
N LEU A 257 8.56 25.20 -18.58
CA LEU A 257 8.04 24.00 -17.89
C LEU A 257 7.66 24.38 -16.45
N PRO A 258 6.36 24.48 -16.12
CA PRO A 258 5.96 25.03 -14.82
C PRO A 258 6.41 24.03 -13.78
N PRO A 259 6.84 24.51 -12.60
CA PRO A 259 7.31 23.61 -11.56
C PRO A 259 6.15 22.69 -11.16
N ILE A 260 6.43 21.77 -10.25
CA ILE A 260 5.39 21.02 -9.48
C ILE A 260 5.42 21.59 -8.06
N LYS A 261 4.36 22.33 -7.71
CA LYS A 261 4.13 22.83 -6.35
C LYS A 261 3.61 21.64 -5.54
N VAL A 262 4.18 21.41 -4.36
CA VAL A 262 3.60 20.54 -3.32
C VAL A 262 3.36 21.40 -2.11
N MET A 263 2.22 21.21 -1.46
CA MET A 263 1.94 21.85 -0.15
C MET A 263 1.68 20.77 0.90
N VAL A 264 2.26 20.97 2.07
CA VAL A 264 2.07 20.13 3.26
C VAL A 264 1.40 20.95 4.36
N ALA A 265 0.16 20.59 4.69
CA ALA A 265 -0.67 21.18 5.78
C ALA A 265 -0.74 20.23 6.97
N LEU A 266 -0.54 20.75 8.16
CA LEU A 266 -0.77 19.96 9.38
C LEU A 266 -1.88 20.66 10.17
N GLY A 267 -2.98 19.95 10.45
CA GLY A 267 -4.12 20.47 11.22
C GLY A 267 -4.29 19.66 12.48
N GLU A 268 -5.41 19.82 13.20
CA GLU A 268 -5.65 19.20 14.52
C GLU A 268 -5.65 17.69 14.35
N GLU A 269 -6.18 17.20 13.24
CA GLU A 269 -6.24 15.74 12.95
C GLU A 269 -5.67 15.40 11.56
N ASP A 270 -5.86 16.26 10.54
CA ASP A 270 -5.42 16.00 9.13
C ASP A 270 -4.03 16.58 8.87
N LEU A 271 -3.06 15.71 8.57
CA LEU A 271 -1.85 16.04 7.79
C LEU A 271 -2.13 15.78 6.31
N SER A 272 -2.21 16.82 5.48
CA SER A 272 -2.63 16.73 4.06
C SER A 272 -1.47 17.10 3.14
N ILE A 273 -1.33 16.42 1.99
CA ILE A 273 -0.27 16.78 1.02
C ILE A 273 -0.89 16.96 -0.36
N LYS A 274 -0.96 18.21 -0.83
CA LYS A 274 -1.39 18.52 -2.23
C LYS A 274 -0.15 18.52 -3.15
N MET A 275 -0.22 17.77 -4.25
CA MET A 275 0.73 17.87 -5.37
C MET A 275 -0.02 18.51 -6.53
N SER A 276 0.14 19.81 -6.67
CA SER A 276 -0.39 20.58 -7.80
C SER A 276 0.63 20.50 -8.94
N ASP A 277 0.18 20.05 -10.11
CA ASP A 277 0.86 20.22 -11.42
C ASP A 277 0.00 21.15 -12.25
N ARG A 278 0.53 21.66 -13.36
CA ARG A 278 -0.24 22.42 -14.38
C ARG A 278 -0.09 21.68 -15.71
N GLY A 279 -0.60 20.45 -15.81
CA GLY A 279 -0.37 19.56 -16.97
C GLY A 279 -1.58 19.44 -17.88
N GLY A 280 -2.40 20.49 -17.99
CA GLY A 280 -3.60 20.44 -18.83
C GLY A 280 -4.64 19.44 -18.35
N GLY A 281 -4.52 19.05 -17.06
CA GLY A 281 -5.54 18.40 -16.22
C GLY A 281 -6.28 17.28 -16.93
N VAL A 282 -7.43 16.89 -16.37
CA VAL A 282 -8.24 15.69 -16.70
C VAL A 282 -9.72 15.97 -16.47
N PRO A 283 -10.61 15.74 -17.46
CA PRO A 283 -12.03 16.02 -17.28
C PRO A 283 -12.64 15.06 -16.26
N LEU A 284 -13.60 15.55 -15.49
CA LEU A 284 -14.16 14.82 -14.33
C LEU A 284 -14.59 13.39 -14.76
N ARG A 285 -15.31 13.28 -15.86
CA ARG A 285 -15.78 11.98 -16.42
C ARG A 285 -14.71 10.90 -16.27
N LYS A 286 -13.47 11.25 -16.60
CA LYS A 286 -12.36 10.29 -16.83
C LYS A 286 -11.60 9.98 -15.52
N ILE A 287 -12.01 10.55 -14.39
CA ILE A 287 -11.23 10.49 -13.13
C ILE A 287 -11.40 9.11 -12.48
N GLU A 288 -12.62 8.70 -12.16
CA GLU A 288 -12.88 7.35 -11.54
C GLU A 288 -11.99 6.30 -12.23
N ARG A 289 -11.93 6.32 -13.56
CA ARG A 289 -11.17 5.37 -14.43
C ARG A 289 -9.71 5.31 -13.99
N LEU A 290 -9.11 6.44 -13.59
CA LEU A 290 -7.67 6.55 -13.21
C LEU A 290 -7.41 5.74 -11.94
N PHE A 291 -8.44 5.25 -11.28
CA PHE A 291 -8.27 4.41 -10.08
C PHE A 291 -8.69 2.95 -10.38
N SER A 292 -9.31 2.69 -11.54
CA SER A 292 -9.78 1.35 -12.01
C SER A 292 -8.62 0.43 -12.40
N TYR A 293 -8.50 -0.71 -11.72
CA TYR A 293 -7.51 -1.76 -12.03
C TYR A 293 -7.71 -2.20 -13.48
N MET A 294 -8.97 -2.40 -13.85
CA MET A 294 -9.33 -2.99 -15.16
C MET A 294 -9.02 -2.01 -16.30
N TYR A 295 -9.48 -0.76 -16.19
CA TYR A 295 -9.48 0.22 -17.31
C TYR A 295 -8.06 0.76 -17.51
N SER A 296 -7.11 0.37 -16.67
CA SER A 296 -5.68 0.71 -16.80
C SER A 296 -4.83 -0.55 -17.01
N THR A 297 -5.40 -1.60 -17.62
CA THR A 297 -4.64 -2.81 -18.04
C THR A 297 -4.62 -2.90 -19.58
N ALA A 298 -3.45 -2.65 -20.20
CA ALA A 298 -3.21 -2.55 -21.66
C ALA A 298 -2.69 -3.86 -22.26
N PRO A 299 -1.51 -4.41 -21.83
CA PRO A 299 -0.76 -5.38 -22.63
C PRO A 299 -1.64 -6.45 -23.28
N GLY A 316 -0.95 1.22 -9.41
CA GLY A 316 -0.25 2.51 -9.64
C GLY A 316 -0.76 3.56 -8.69
N LEU A 317 -1.88 4.18 -9.04
CA LEU A 317 -2.70 5.03 -8.14
C LEU A 317 -3.51 4.21 -7.14
N PRO A 318 -4.28 3.18 -7.61
CA PRO A 318 -5.31 2.56 -6.78
C PRO A 318 -4.67 1.95 -5.55
N ILE A 319 -3.44 1.47 -5.77
CA ILE A 319 -2.57 0.79 -4.78
C ILE A 319 -2.02 1.86 -3.86
N SER A 320 -1.52 2.95 -4.45
CA SER A 320 -1.11 4.15 -3.69
C SER A 320 -2.28 4.60 -2.82
N ARG A 321 -3.49 4.64 -3.38
CA ARG A 321 -4.71 4.97 -2.62
C ARG A 321 -4.88 4.01 -1.43
N LEU A 322 -4.74 2.71 -1.66
CA LEU A 322 -4.87 1.70 -0.58
C LEU A 322 -3.92 2.05 0.55
N TYR A 323 -2.64 2.20 0.22
CA TYR A 323 -1.56 2.55 1.16
C TYR A 323 -2.01 3.68 2.09
N ALA A 324 -2.73 4.69 1.56
CA ALA A 324 -3.28 5.84 2.31
C ALA A 324 -4.35 5.37 3.27
N LYS A 325 -5.35 4.70 2.70
CA LYS A 325 -6.53 4.23 3.45
C LYS A 325 -6.06 3.32 4.58
N TYR A 326 -4.83 2.82 4.50
CA TYR A 326 -4.35 1.68 5.34
C TYR A 326 -4.29 2.11 6.80
N PHE A 327 -3.72 3.28 7.08
CA PHE A 327 -3.72 3.90 8.43
C PHE A 327 -4.76 5.03 8.47
N GLN A 328 -5.92 4.76 7.88
CA GLN A 328 -7.17 5.56 8.02
C GLN A 328 -7.08 6.85 7.17
N GLY A 329 -6.17 6.90 6.19
CA GLY A 329 -6.07 8.09 5.34
C GLY A 329 -6.90 7.91 4.08
N ASP A 330 -6.64 8.72 3.06
CA ASP A 330 -7.24 8.61 1.72
C ASP A 330 -6.37 9.41 0.74
N LEU A 331 -6.67 9.27 -0.55
CA LEU A 331 -5.88 9.86 -1.67
C LEU A 331 -6.85 10.20 -2.79
N GLN A 332 -6.99 11.49 -3.12
CA GLN A 332 -8.02 11.98 -4.06
C GLN A 332 -7.39 12.80 -5.17
N LEU A 333 -8.05 12.83 -6.33
CA LEU A 333 -7.66 13.71 -7.44
C LEU A 333 -8.80 14.68 -7.72
N PHE A 334 -8.54 15.98 -7.69
CA PHE A 334 -9.37 17.03 -8.35
C PHE A 334 -8.49 17.71 -9.38
N SER A 335 -8.80 17.52 -10.65
CA SER A 335 -8.16 18.18 -11.80
C SER A 335 -9.10 19.30 -12.27
N MET A 336 -8.59 20.21 -13.10
CA MET A 336 -9.33 21.28 -13.81
C MET A 336 -9.06 21.15 -15.31
N GLU A 337 -9.88 20.40 -16.06
CA GLU A 337 -9.55 20.17 -17.50
C GLU A 337 -9.11 21.51 -18.04
N GLY A 338 -7.88 21.54 -18.58
CA GLY A 338 -7.29 22.64 -19.37
C GLY A 338 -6.35 23.48 -18.54
N PHE A 339 -6.03 23.03 -17.32
CA PHE A 339 -5.08 23.74 -16.42
C PHE A 339 -4.10 22.74 -15.83
N GLY A 340 -4.52 22.04 -14.79
CA GLY A 340 -3.69 20.98 -14.16
C GLY A 340 -4.45 20.22 -13.11
N THR A 341 -3.83 19.14 -12.64
CA THR A 341 -4.40 18.22 -11.65
C THR A 341 -3.85 18.57 -10.28
N ASP A 342 -4.65 18.31 -9.26
CA ASP A 342 -4.28 18.38 -7.83
C ASP A 342 -4.48 16.99 -7.31
N ALA A 343 -3.54 16.54 -6.47
CA ALA A 343 -3.51 15.18 -5.91
C ALA A 343 -3.19 15.29 -4.43
N VAL A 344 -4.15 15.00 -3.58
CA VAL A 344 -3.96 15.10 -2.11
C VAL A 344 -3.83 13.73 -1.46
N ILE A 345 -2.75 13.52 -0.69
CA ILE A 345 -2.63 12.44 0.32
C ILE A 345 -3.07 13.00 1.67
N TYR A 346 -4.08 12.38 2.26
CA TYR A 346 -4.63 12.72 3.58
C TYR A 346 -4.17 11.66 4.59
N LEU A 347 -3.43 12.06 5.61
CA LEU A 347 -2.96 11.14 6.66
C LEU A 347 -3.50 11.64 7.99
N LYS A 348 -3.80 10.72 8.91
CA LYS A 348 -4.17 11.08 10.29
C LYS A 348 -2.90 11.69 10.88
N ALA A 349 -2.99 12.78 11.64
CA ALA A 349 -1.84 13.48 12.22
C ALA A 349 -1.39 12.77 13.50
N LEU A 350 -2.19 11.83 14.01
CA LEU A 350 -2.00 11.31 15.38
C LEU A 350 -1.79 9.78 15.38
N SER A 351 -0.67 9.35 15.94
CA SER A 351 -0.40 7.96 16.38
C SER A 351 -1.67 7.29 16.92
N THR A 352 -2.55 8.06 17.55
CA THR A 352 -3.76 7.55 18.26
C THR A 352 -4.87 7.26 17.23
N ASP A 353 -5.09 8.19 16.29
CA ASP A 353 -6.13 8.07 15.22
C ASP A 353 -5.61 7.15 14.10
N SER A 354 -4.36 6.67 14.19
CA SER A 354 -3.67 5.94 13.10
C SER A 354 -3.75 4.46 13.41
N VAL A 355 -4.76 3.81 12.83
CA VAL A 355 -5.04 2.35 13.06
C VAL A 355 -5.18 1.68 11.70
N GLU A 356 -4.89 0.37 11.63
CA GLU A 356 -5.02 -0.40 10.37
C GLU A 356 -6.47 -0.39 9.91
N ARG A 357 -6.70 -0.04 8.65
CA ARG A 357 -7.95 -0.41 7.92
C ARG A 357 -7.72 -1.78 7.29
N LEU A 358 -8.38 -2.81 7.84
CA LEU A 358 -8.31 -4.21 7.36
C LEU A 358 -9.63 -4.60 6.72
N PRO A 359 -9.63 -5.22 5.52
CA PRO A 359 -10.87 -5.72 4.94
C PRO A 359 -11.28 -6.87 5.86
N VAL A 360 -12.56 -6.95 6.25
CA VAL A 360 -12.99 -8.05 7.16
C VAL A 360 -14.17 -8.83 6.57
N TYR A 361 -14.25 -10.11 6.91
CA TYR A 361 -15.26 -11.08 6.40
C TYR A 361 -16.66 -10.81 6.97
N ASN A 362 -17.70 -11.21 6.23
CA ASN A 362 -19.10 -10.96 6.66
C ASN A 362 -20.07 -11.78 5.81
#